data_8K2Z
#
_entry.id   8K2Z
#
_cell.length_a   79.365
_cell.length_b   30.111
_cell.length_c   89.353
_cell.angle_alpha   90.000
_cell.angle_beta   105.730
_cell.angle_gamma   90.000
#
_symmetry.space_group_name_H-M   'P 1 21 1'
#
loop_
_entity.id
_entity.type
_entity.pdbx_description
1 polymer 'RNA (57-MER)'
2 non-polymer 'SODIUM ION'
3 water water
#
_entity_poly.entity_id   1
_entity_poly.type   'polyribonucleotide'
_entity_poly.pdbx_seq_one_letter_code
;GGUGCUGGUGGUUGGCACUCCUGGUUUCCAGGACGGGGUUCAAAUCCCUGCGGCGUC
;
_entity_poly.pdbx_strand_id   A,B
#
loop_
_chem_comp.id
_chem_comp.type
_chem_comp.name
_chem_comp.formula
A RNA linking ADENOSINE-5'-MONOPHOSPHATE 'C10 H14 N5 O7 P'
C RNA linking CYTIDINE-5'-MONOPHOSPHATE 'C9 H14 N3 O8 P'
G RNA linking GUANOSINE-5'-MONOPHOSPHATE 'C10 H14 N5 O8 P'
NA non-polymer 'SODIUM ION' 'Na 1'
U RNA linking URIDINE-5'-MONOPHOSPHATE 'C9 H13 N2 O9 P'
#
# COMPACT_ATOMS: atom_id res chain seq x y z
NA NA C . 23.80 -5.58 19.30
NA NA D . 19.66 -4.68 12.65
NA NA E . 11.60 -14.67 0.85
NA NA F . 15.14 -12.04 1.55
NA NA G . 15.45 -19.40 17.08
NA NA H . -2.23 -2.83 1.75
NA NA I . 15.82 -4.76 11.98
NA NA J . -30.69 13.48 -22.57
NA NA K . -30.27 24.02 -12.64
NA NA L . -23.46 13.07 -20.90
NA NA M . -3.51 6.20 -1.63
NA NA N . -11.32 7.20 -7.44
#